data_7O31
#
_entry.id   7O31
#
_cell.length_a   141.296
_cell.length_b   44.373
_cell.length_c   93.032
_cell.angle_alpha   90.000
_cell.angle_beta   109.140
_cell.angle_gamma   90.000
#
_symmetry.space_group_name_H-M   'C 1 2 1'
#
loop_
_entity.id
_entity.type
_entity.pdbx_description
1 polymer 'anti-PAS Fab 1.2 chimeric light chain'
2 polymer 'anti-PAS Fab 1.2 chimeric heavy chain'
3 polymer 'anti-Kappa VHH domain'
4 polymer 'PAS#1 epitope peptide'
5 non-polymer 1,2-ETHANEDIOL
6 water water
#
loop_
_entity_poly.entity_id
_entity_poly.type
_entity_poly.pdbx_seq_one_letter_code
_entity_poly.pdbx_strand_id
1 'polypeptide(L)'
;DIVLTQSPASLAVSLGQRATISCRASQSVSTSSYSYMHWFQQKPGQPPKLLIKYASNLESGVPARFSGSGSGTDFTLNIH
PVEEEDTATYYCQHSWEIPLTFGAGTKLEIKRTVAAPSVFIFPPSDEQLKSGTASVVCLLNNFYPREAKVQWKVDNALQS
GNSQESVTEQDSKDSTYSLSSTLTLSKADYEKHKVYACEVTHQGLSSPVTKSFNRGEC
;
L
2 'polypeptide(L)'
;EVQLVESGGGLVQPGGSLKLSCAASGFTFSSYGMSWVRQTPDKRLELVATINSNGGSTYYLDSVKGRFTISRDKAKNTLY
LQMSSLKSEDTAMYYCVRGGSIYDGYDYAMDYWGQGTSVTVSSASTKGPSVFPLAPSSKSTSGGTAALGCLVKDYFPEPV
TVSWNSGALTSGVHTFPAVLQSSGLYSLSSVVTVPSSSLGTQTYICNVNHKPSNTKVDKKVEPKSCHHHHHH
;
H
3 'polypeptide(L)'
;MQVQLQESGGGLVQPGGSLRLSCAASGRTISRYAMSWFRQAPGKEREFVAVARRSGDGAFYADSVQGRFTVSRDDAKNTV
YLQMNSLKPEDTAVYYCAIDSDTFYSGSYDYWGQGTQVTVSAHHHHHH
;
X
4 'polypeptide(L)' (PCA)APASPAAPA P
#
# COMPACT_ATOMS: atom_id res chain seq x y z
N ASP A 1 18.77 8.57 -25.55
CA ASP A 1 17.46 8.56 -24.82
C ASP A 1 17.70 9.26 -23.46
N ILE A 2 16.68 9.87 -22.91
CA ILE A 2 16.80 10.60 -21.61
C ILE A 2 16.45 9.63 -20.49
N VAL A 3 17.25 9.64 -19.44
CA VAL A 3 16.95 8.89 -18.18
C VAL A 3 16.59 9.91 -17.12
N LEU A 4 15.52 9.62 -16.39
CA LEU A 4 15.05 10.39 -15.26
C LEU A 4 15.30 9.58 -13.98
N THR A 5 15.97 10.22 -13.04
CA THR A 5 16.35 9.66 -11.72
C THR A 5 15.61 10.39 -10.60
N GLN A 6 14.70 9.68 -9.94
CA GLN A 6 13.93 10.27 -8.82
C GLN A 6 14.67 9.99 -7.52
N SER A 7 14.46 10.88 -6.57
CA SER A 7 14.95 10.65 -5.19
C SER A 7 14.04 11.40 -4.24
N PRO A 8 13.79 10.80 -3.06
CA PRO A 8 14.21 9.44 -2.74
C PRO A 8 13.29 8.39 -3.37
N ALA A 9 13.60 7.09 -3.21
CA ALA A 9 12.74 5.97 -3.65
C ALA A 9 11.46 5.96 -2.82
N SER A 10 11.56 6.30 -1.54
CA SER A 10 10.40 6.32 -0.64
C SER A 10 10.68 7.31 0.47
N LEU A 11 9.62 7.83 1.05
CA LEU A 11 9.70 8.73 2.22
C LEU A 11 8.36 8.69 2.94
N ALA A 12 8.44 8.99 4.23
CA ALA A 12 7.29 9.18 5.11
C ALA A 12 7.27 10.62 5.59
N VAL A 13 6.11 11.24 5.52
CA VAL A 13 5.97 12.68 5.85
C VAL A 13 4.81 12.79 6.82
N SER A 14 5.06 13.43 7.95
CA SER A 14 4.01 13.64 8.98
C SER A 14 2.89 14.43 8.35
N LEU A 15 1.67 14.04 8.66
CA LEU A 15 0.46 14.84 8.35
C LEU A 15 0.73 16.31 8.65
N GLY A 16 0.36 17.20 7.71
CA GLY A 16 0.45 18.66 7.81
C GLY A 16 1.81 19.23 7.39
N GLN A 17 2.77 18.37 7.10
CA GLN A 17 4.16 18.80 6.77
C GLN A 17 4.35 18.70 5.25
N ARG A 18 5.53 19.10 4.78
CA ARG A 18 5.87 19.19 3.33
C ARG A 18 6.59 17.93 2.85
N ALA A 19 6.13 17.39 1.73
CA ALA A 19 6.82 16.30 1.00
C ALA A 19 7.50 16.95 -0.18
N THR A 20 8.79 16.70 -0.34
CA THR A 20 9.59 17.21 -1.47
C THR A 20 10.18 16.00 -2.19
N ILE A 21 9.89 15.88 -3.48
CA ILE A 21 10.34 14.73 -4.32
C ILE A 21 11.14 15.35 -5.47
N SER A 22 12.27 14.77 -5.79
CA SER A 22 13.20 15.32 -6.83
C SER A 22 13.19 14.43 -8.05
N CYS A 23 13.40 15.04 -9.22
CA CYS A 23 13.61 14.31 -10.48
C CYS A 23 14.75 15.00 -11.21
N ARG A 24 15.79 14.25 -11.57
CA ARG A 24 16.93 14.78 -12.34
C ARG A 24 16.93 14.13 -13.71
N ALA A 25 16.96 14.93 -14.77
CA ALA A 25 17.10 14.43 -16.17
C ALA A 25 18.58 14.35 -16.55
N SER A 26 18.89 13.37 -17.37
CA SER A 26 20.27 13.14 -17.90
C SER A 26 20.75 14.28 -18.82
N GLN A 27 19.86 15.13 -19.33
CA GLN A 27 20.21 16.34 -20.09
C GLN A 27 19.15 17.39 -19.85
N SER A 28 19.41 18.63 -20.21
CA SER A 28 18.42 19.70 -20.06
C SER A 28 17.14 19.40 -20.86
N VAL A 29 15.99 19.67 -20.26
CA VAL A 29 14.67 19.57 -20.95
C VAL A 29 13.96 20.93 -20.93
N SER A 30 14.72 22.02 -20.95
CA SER A 30 14.24 23.41 -20.86
C SER A 30 14.79 24.22 -22.03
N THR A 31 13.91 25.02 -22.60
CA THR A 31 14.30 26.24 -23.34
C THR A 31 14.19 27.36 -22.32
N SER A 32 14.49 28.60 -22.73
CA SER A 32 14.31 29.78 -21.87
C SER A 32 12.82 30.07 -21.59
N SER A 33 11.87 29.46 -22.31
CA SER A 33 10.41 29.72 -22.17
C SER A 33 9.65 28.52 -21.58
N TYR A 34 10.04 27.27 -21.85
CA TYR A 34 9.28 26.05 -21.41
C TYR A 34 10.24 24.98 -20.89
N SER A 35 9.80 24.27 -19.85
CA SER A 35 10.45 23.07 -19.29
C SER A 35 9.54 21.87 -19.52
N TYR A 36 10.04 20.86 -20.22
CA TYR A 36 9.23 19.73 -20.74
C TYR A 36 9.27 18.56 -19.75
N MET A 37 8.81 18.83 -18.54
CA MET A 37 8.76 17.88 -17.40
C MET A 37 7.33 17.89 -16.85
N HIS A 38 6.87 16.71 -16.46
CA HIS A 38 5.50 16.49 -15.96
C HIS A 38 5.54 15.60 -14.72
N TRP A 39 4.52 15.69 -13.88
CA TRP A 39 4.41 14.90 -12.64
C TRP A 39 3.06 14.22 -12.53
N PHE A 40 3.07 12.96 -12.13
CA PHE A 40 1.87 12.11 -11.98
C PHE A 40 1.82 11.59 -10.54
N GLN A 41 0.59 11.39 -10.09
CA GLN A 41 0.26 10.67 -8.84
C GLN A 41 -0.41 9.34 -9.16
N GLN A 42 -0.01 8.24 -8.55
CA GLN A 42 -0.75 6.96 -8.74
C GLN A 42 -1.17 6.47 -7.37
N LYS A 43 -2.43 6.69 -7.06
CA LYS A 43 -3.01 6.20 -5.79
C LYS A 43 -3.24 4.70 -5.95
N PRO A 44 -3.28 3.96 -4.81
CA PRO A 44 -3.57 2.52 -4.87
C PRO A 44 -4.84 2.18 -5.65
N GLY A 45 -4.70 1.20 -6.53
CA GLY A 45 -5.79 0.67 -7.38
C GLY A 45 -6.22 1.61 -8.49
N GLN A 46 -5.51 2.72 -8.73
CA GLN A 46 -5.87 3.72 -9.75
C GLN A 46 -4.79 3.85 -10.81
N PRO A 47 -5.15 4.34 -12.02
CA PRO A 47 -4.16 4.73 -13.01
C PRO A 47 -3.44 5.98 -12.57
N PRO A 48 -2.29 6.32 -13.19
CA PRO A 48 -1.66 7.61 -12.97
C PRO A 48 -2.62 8.76 -13.29
N LYS A 49 -2.44 9.84 -12.55
CA LYS A 49 -3.17 11.10 -12.70
C LYS A 49 -2.19 12.24 -12.87
N LEU A 50 -2.39 13.07 -13.89
CA LEU A 50 -1.48 14.21 -14.13
C LEU A 50 -1.68 15.31 -13.06
N LEU A 51 -0.60 15.67 -12.37
CA LEU A 51 -0.65 16.74 -11.34
C LEU A 51 -0.14 18.06 -11.87
N ILE A 52 1.02 18.03 -12.50
CA ILE A 52 1.77 19.22 -12.93
C ILE A 52 2.21 18.96 -14.37
N LYS A 53 2.06 19.93 -15.27
CA LYS A 53 2.60 19.87 -16.64
C LYS A 53 3.54 21.03 -16.89
N TYR A 54 4.52 20.76 -17.73
CA TYR A 54 5.57 21.71 -18.12
C TYR A 54 6.19 22.31 -16.86
N ALA A 55 6.54 21.43 -15.93
CA ALA A 55 7.35 21.69 -14.71
C ALA A 55 6.56 22.39 -13.60
N SER A 56 5.74 23.40 -13.89
CA SER A 56 5.20 24.30 -12.84
C SER A 56 3.71 24.60 -13.00
N ASN A 57 3.05 24.06 -14.04
CA ASN A 57 1.64 24.35 -14.32
C ASN A 57 0.79 23.32 -13.61
N LEU A 58 0.02 23.81 -12.65
CA LEU A 58 -0.94 22.99 -11.92
C LEU A 58 -2.04 22.51 -12.87
N GLU A 59 -2.19 21.20 -12.96
CA GLU A 59 -3.15 20.60 -13.90
C GLU A 59 -4.51 21.02 -13.41
N SER A 60 -5.28 21.45 -14.38
CA SER A 60 -6.60 22.02 -14.10
C SER A 60 -7.35 21.06 -13.17
N GLY A 61 -7.90 21.59 -12.10
CA GLY A 61 -8.67 20.81 -11.10
C GLY A 61 -7.85 20.13 -10.03
N VAL A 62 -6.51 20.19 -10.11
CA VAL A 62 -5.65 19.56 -9.07
C VAL A 62 -5.48 20.54 -7.90
N PRO A 63 -5.56 20.10 -6.64
CA PRO A 63 -5.49 21.00 -5.49
C PRO A 63 -4.18 21.79 -5.40
N ALA A 64 -4.23 22.99 -4.82
CA ALA A 64 -3.12 23.97 -4.79
C ALA A 64 -2.02 23.55 -3.79
N ARG A 65 -2.20 22.49 -2.99
CA ARG A 65 -1.12 21.99 -2.09
C ARG A 65 0.00 21.39 -2.95
N PHE A 66 -0.29 21.03 -4.21
CA PHE A 66 0.69 20.45 -5.17
C PHE A 66 1.33 21.59 -5.96
N SER A 67 2.65 21.60 -6.02
CA SER A 67 3.37 22.55 -6.88
C SER A 67 4.61 21.89 -7.47
N GLY A 68 5.02 22.37 -8.62
CA GLY A 68 6.23 21.93 -9.30
C GLY A 68 7.16 23.07 -9.55
N SER A 69 8.46 22.81 -9.49
CA SER A 69 9.49 23.80 -9.87
C SER A 69 10.67 23.12 -10.52
N GLY A 70 11.58 23.97 -11.00
CA GLY A 70 12.86 23.57 -11.56
C GLY A 70 12.97 23.95 -13.03
N SER A 71 14.18 23.85 -13.54
CA SER A 71 14.55 24.12 -14.94
C SER A 71 15.84 23.36 -15.24
N GLY A 72 16.09 23.09 -16.51
CA GLY A 72 17.30 22.43 -17.00
C GLY A 72 17.24 20.95 -16.71
N THR A 73 18.01 20.44 -15.74
CA THR A 73 17.99 18.99 -15.39
C THR A 73 17.24 18.68 -14.09
N ASP A 74 17.04 19.65 -13.20
CA ASP A 74 16.62 19.40 -11.80
C ASP A 74 15.22 19.96 -11.53
N PHE A 75 14.30 19.05 -11.18
CA PHE A 75 12.87 19.35 -10.95
C PHE A 75 12.48 18.84 -9.57
N THR A 76 11.52 19.52 -8.95
CA THR A 76 10.93 19.20 -7.64
C THR A 76 9.40 19.24 -7.70
N LEU A 77 8.81 18.30 -6.99
CA LEU A 77 7.36 18.22 -6.69
C LEU A 77 7.27 18.47 -5.19
N ASN A 78 6.49 19.47 -4.82
CA ASN A 78 6.28 19.83 -3.41
C ASN A 78 4.81 19.54 -3.12
N ILE A 79 4.55 18.95 -1.95
CA ILE A 79 3.16 18.74 -1.47
C ILE A 79 3.10 19.29 -0.07
N HIS A 80 2.32 20.34 0.14
CA HIS A 80 2.27 20.97 1.47
C HIS A 80 0.96 21.73 1.62
N PRO A 81 0.18 21.51 2.68
CA PRO A 81 0.43 20.47 3.69
C PRO A 81 0.02 19.07 3.20
N VAL A 82 0.79 18.00 3.44
CA VAL A 82 0.31 16.63 3.06
C VAL A 82 -0.96 16.29 3.84
N GLU A 83 -1.84 15.54 3.19
CA GLU A 83 -3.11 15.01 3.76
C GLU A 83 -3.16 13.50 3.51
N GLU A 84 -4.03 12.80 4.24
CA GLU A 84 -4.12 11.33 4.18
C GLU A 84 -4.22 10.86 2.71
N GLU A 85 -5.02 11.52 1.88
CA GLU A 85 -5.36 11.08 0.51
C GLU A 85 -4.12 11.18 -0.38
N ASP A 86 -3.02 11.74 0.11
CA ASP A 86 -1.81 11.95 -0.73
C ASP A 86 -0.91 10.72 -0.71
N THR A 87 -1.24 9.69 0.07
CA THR A 87 -0.50 8.40 0.00
C THR A 87 -0.60 7.86 -1.42
N ALA A 88 0.54 7.62 -2.05
CA ALA A 88 0.60 7.37 -3.50
C ALA A 88 2.05 7.13 -3.89
N THR A 89 2.23 6.64 -5.11
CA THR A 89 3.52 6.72 -5.80
C THR A 89 3.48 7.88 -6.79
N TYR A 90 4.53 8.68 -6.83
CA TYR A 90 4.64 9.90 -7.68
C TYR A 90 5.69 9.63 -8.75
N TYR A 91 5.42 10.01 -9.99
CA TYR A 91 6.36 9.81 -11.12
C TYR A 91 6.63 11.11 -11.86
N CYS A 92 7.85 11.28 -12.33
CA CYS A 92 8.14 12.33 -13.32
C CYS A 92 8.23 11.70 -14.71
N GLN A 93 8.10 12.54 -15.72
CA GLN A 93 8.09 12.11 -17.13
C GLN A 93 8.51 13.33 -17.94
N HIS A 94 9.36 13.17 -18.95
CA HIS A 94 9.69 14.31 -19.84
C HIS A 94 8.98 14.14 -21.18
N SER A 95 8.83 15.28 -21.86
CA SER A 95 8.35 15.30 -23.27
C SER A 95 9.27 16.15 -24.15
N TRP A 96 10.56 16.09 -23.90
CA TRP A 96 11.59 16.85 -24.64
C TRP A 96 11.72 16.32 -26.05
N GLU A 97 11.73 15.02 -26.19
CA GLU A 97 12.11 14.37 -27.45
C GLU A 97 11.56 12.96 -27.40
N ILE A 98 11.44 12.33 -28.55
CA ILE A 98 11.29 10.87 -28.64
C ILE A 98 12.58 10.19 -28.23
N PRO A 99 12.56 9.20 -27.32
CA PRO A 99 11.35 8.70 -26.64
C PRO A 99 10.99 9.44 -25.36
N LEU A 100 9.70 9.55 -25.10
CA LEU A 100 9.15 10.01 -23.82
C LEU A 100 9.49 8.94 -22.79
N THR A 101 10.04 9.34 -21.65
CA THR A 101 10.39 8.38 -20.59
C THR A 101 9.93 8.89 -19.23
N PHE A 102 9.83 7.93 -18.30
CA PHE A 102 9.35 8.12 -16.92
C PHE A 102 10.47 7.84 -15.95
N GLY A 103 10.42 8.55 -14.85
CA GLY A 103 11.18 8.13 -13.67
C GLY A 103 10.60 6.88 -13.06
N ALA A 104 11.34 6.26 -12.13
CA ALA A 104 10.95 4.95 -11.57
C ALA A 104 10.01 5.11 -10.37
N GLY A 105 9.71 6.32 -9.94
CA GLY A 105 8.64 6.55 -8.95
C GLY A 105 9.19 6.74 -7.56
N THR A 106 8.45 7.45 -6.73
CA THR A 106 8.82 7.74 -5.32
C THR A 106 7.57 7.43 -4.54
N LYS A 107 7.69 6.53 -3.56
CA LYS A 107 6.52 6.09 -2.75
C LYS A 107 6.40 7.04 -1.55
N LEU A 108 5.28 7.73 -1.43
CA LEU A 108 5.00 8.63 -0.27
C LEU A 108 4.06 7.95 0.71
N GLU A 109 4.55 7.74 1.92
CA GLU A 109 3.75 7.26 3.07
C GLU A 109 3.35 8.48 3.87
N ILE A 110 2.07 8.59 4.28
CA ILE A 110 1.65 9.66 5.22
C ILE A 110 1.82 9.14 6.66
N LYS A 111 2.60 9.85 7.46
CA LYS A 111 2.95 9.41 8.83
C LYS A 111 1.85 9.89 9.74
N ARG A 112 1.22 8.98 10.49
CA ARG A 112 0.16 9.29 11.47
C ARG A 112 0.59 8.81 12.87
N THR A 113 -0.29 8.97 13.86
CA THR A 113 -0.04 8.41 15.19
C THR A 113 -0.06 6.87 15.14
N VAL A 114 0.55 6.28 16.14
CA VAL A 114 0.59 4.81 16.22
C VAL A 114 -0.79 4.26 16.49
N ALA A 115 -1.15 3.20 15.78
CA ALA A 115 -2.38 2.43 15.95
C ALA A 115 -2.02 0.95 15.97
N ALA A 116 -2.25 0.27 17.08
CA ALA A 116 -2.05 -1.18 17.17
C ALA A 116 -3.08 -1.91 16.29
N PRO A 117 -2.71 -3.07 15.74
CA PRO A 117 -3.62 -3.88 14.96
C PRO A 117 -4.73 -4.48 15.83
N SER A 118 -5.93 -4.52 15.25
CA SER A 118 -7.00 -5.41 15.72
C SER A 118 -6.75 -6.77 15.10
N VAL A 119 -6.76 -7.81 15.92
CA VAL A 119 -6.40 -9.16 15.43
C VAL A 119 -7.64 -10.05 15.41
N PHE A 120 -7.79 -10.83 14.34
CA PHE A 120 -8.91 -11.79 14.12
C PHE A 120 -8.36 -13.06 13.50
N ILE A 121 -8.84 -14.21 13.98
CA ILE A 121 -8.45 -15.53 13.41
C ILE A 121 -9.69 -16.19 12.82
N PHE A 122 -9.54 -16.80 11.66
CA PHE A 122 -10.60 -17.53 10.97
C PHE A 122 -10.20 -18.98 10.72
N PRO A 123 -11.04 -19.95 11.17
CA PRO A 123 -10.82 -21.35 10.86
C PRO A 123 -11.11 -21.65 9.40
N PRO A 124 -10.51 -22.72 8.84
CA PRO A 124 -10.90 -23.15 7.51
C PRO A 124 -12.40 -23.49 7.54
N SER A 125 -13.08 -23.16 6.46
CA SER A 125 -14.51 -23.51 6.24
C SER A 125 -14.63 -25.02 6.15
N ASP A 126 -15.75 -25.57 6.62
CA ASP A 126 -16.04 -27.02 6.46
C ASP A 126 -15.95 -27.33 4.96
N GLU A 127 -16.45 -26.43 4.12
CA GLU A 127 -16.50 -26.64 2.66
C GLU A 127 -15.10 -26.84 2.10
N GLN A 128 -14.13 -26.02 2.50
CA GLN A 128 -12.74 -26.19 2.01
C GLN A 128 -12.17 -27.51 2.55
N LEU A 129 -12.45 -27.80 3.83
CA LEU A 129 -11.91 -28.95 4.59
C LEU A 129 -12.33 -30.25 3.89
N LYS A 130 -13.59 -30.34 3.50
CA LYS A 130 -14.17 -31.49 2.76
C LYS A 130 -13.28 -31.78 1.55
N SER A 131 -12.89 -30.73 0.84
CA SER A 131 -12.25 -30.76 -0.50
C SER A 131 -10.78 -31.17 -0.40
N GLY A 132 -10.19 -31.17 0.80
CA GLY A 132 -8.89 -31.78 1.09
C GLY A 132 -7.82 -30.79 1.54
N THR A 133 -8.13 -29.50 1.73
CA THR A 133 -7.13 -28.49 2.16
C THR A 133 -7.66 -27.63 3.32
N ALA A 134 -6.75 -27.14 4.15
CA ALA A 134 -7.13 -26.21 5.22
C ALA A 134 -6.32 -24.92 5.06
N SER A 135 -7.02 -23.82 4.80
CA SER A 135 -6.47 -22.45 4.85
C SER A 135 -6.98 -21.80 6.14
N VAL A 136 -6.04 -21.46 7.02
CA VAL A 136 -6.27 -20.75 8.28
C VAL A 136 -5.81 -19.30 8.05
N VAL A 137 -6.68 -18.35 8.35
CA VAL A 137 -6.38 -16.90 8.10
C VAL A 137 -6.32 -16.12 9.40
N CYS A 138 -5.28 -15.32 9.54
CA CYS A 138 -5.11 -14.36 10.63
C CYS A 138 -5.11 -12.95 10.02
N LEU A 139 -5.95 -12.08 10.54
CA LEU A 139 -6.10 -10.67 10.06
C LEU A 139 -5.56 -9.71 11.12
N LEU A 140 -4.72 -8.77 10.70
CA LEU A 140 -4.22 -7.60 11.47
C LEU A 140 -4.82 -6.37 10.81
N ASN A 141 -5.74 -5.74 11.50
CA ASN A 141 -6.59 -4.70 10.87
C ASN A 141 -6.20 -3.33 11.38
N ASN A 142 -5.94 -2.42 10.42
CA ASN A 142 -5.88 -0.96 10.64
C ASN A 142 -4.81 -0.53 11.67
N PHE A 143 -3.55 -0.79 11.32
CA PHE A 143 -2.40 -0.49 12.18
C PHE A 143 -1.41 0.42 11.45
N TYR A 144 -0.63 1.12 12.26
CA TYR A 144 0.45 2.03 11.78
C TYR A 144 1.45 2.13 12.91
N PRO A 145 2.78 2.08 12.71
CA PRO A 145 3.41 1.94 11.40
C PRO A 145 3.31 0.52 10.81
N ARG A 146 3.94 0.27 9.66
CA ARG A 146 3.68 -0.90 8.81
C ARG A 146 4.30 -2.18 9.39
N GLU A 147 5.37 -2.06 10.18
CA GLU A 147 6.15 -3.22 10.65
C GLU A 147 5.29 -3.98 11.64
N ALA A 148 5.21 -5.28 11.46
CA ALA A 148 4.47 -6.15 12.37
C ALA A 148 5.07 -7.53 12.29
N LYS A 149 4.85 -8.38 13.30
CA LYS A 149 5.34 -9.78 13.22
C LYS A 149 4.18 -10.68 13.55
N VAL A 150 3.94 -11.65 12.69
CA VAL A 150 2.87 -12.65 12.88
C VAL A 150 3.52 -14.03 12.96
N GLN A 151 3.30 -14.76 14.05
CA GLN A 151 3.81 -16.16 14.16
C GLN A 151 2.62 -17.10 14.34
N TRP A 152 2.63 -18.21 13.58
CA TRP A 152 1.67 -19.33 13.70
C TRP A 152 2.25 -20.35 14.71
N LYS A 153 1.42 -20.72 15.68
CA LYS A 153 1.74 -21.81 16.64
C LYS A 153 0.62 -22.85 16.54
N VAL A 154 0.95 -24.10 16.25
CA VAL A 154 -0.02 -25.22 16.18
C VAL A 154 0.37 -26.17 17.33
N ASP A 155 -0.50 -26.27 18.33
CA ASP A 155 -0.16 -26.98 19.60
C ASP A 155 1.23 -26.55 20.07
N ASN A 156 1.44 -25.23 20.15
CA ASN A 156 2.58 -24.57 20.83
C ASN A 156 3.89 -24.69 20.04
N ALA A 157 3.85 -25.22 18.82
CA ALA A 157 5.01 -25.35 17.91
C ALA A 157 4.99 -24.20 16.88
N LEU A 158 6.07 -23.42 16.82
CA LEU A 158 6.23 -22.36 15.79
C LEU A 158 6.22 -23.00 14.40
N GLN A 159 5.41 -22.47 13.48
CA GLN A 159 5.33 -22.97 12.10
C GLN A 159 6.34 -22.22 11.22
N SER A 160 6.83 -22.90 10.18
N SER A 160 6.85 -22.90 10.18
CA SER A 160 7.80 -22.37 9.18
CA SER A 160 7.79 -22.32 9.18
C SER A 160 7.43 -22.89 7.79
C SER A 160 7.46 -22.88 7.80
N GLY A 161 7.49 -22.02 6.77
CA GLY A 161 7.38 -22.39 5.35
C GLY A 161 6.04 -22.96 4.96
N ASN A 162 4.95 -22.62 5.67
CA ASN A 162 3.60 -23.02 5.24
C ASN A 162 2.62 -21.84 5.40
N SER A 163 3.14 -20.62 5.45
CA SER A 163 2.29 -19.40 5.54
C SER A 163 2.74 -18.35 4.51
N GLN A 164 1.78 -17.54 4.08
CA GLN A 164 2.04 -16.40 3.15
C GLN A 164 1.33 -15.14 3.66
N GLU A 165 1.98 -14.00 3.58
CA GLU A 165 1.36 -12.72 4.04
C GLU A 165 1.00 -11.85 2.86
N SER A 166 -0.05 -11.06 3.02
CA SER A 166 -0.42 -10.02 2.03
C SER A 166 -0.68 -8.77 2.85
N VAL A 167 -0.20 -7.63 2.34
CA VAL A 167 -0.35 -6.33 3.03
C VAL A 167 -1.05 -5.34 2.11
N THR A 168 -2.07 -4.66 2.63
CA THR A 168 -2.78 -3.66 1.81
C THR A 168 -1.85 -2.45 1.61
N GLU A 169 -2.13 -1.68 0.57
CA GLU A 169 -1.48 -0.36 0.44
C GLU A 169 -2.01 0.52 1.56
N GLN A 170 -1.28 1.56 1.95
CA GLN A 170 -1.75 2.51 2.99
C GLN A 170 -3.15 3.03 2.60
N ASP A 171 -4.02 3.09 3.60
CA ASP A 171 -5.40 3.62 3.44
C ASP A 171 -5.37 5.14 3.17
N SER A 172 -6.16 5.58 2.19
CA SER A 172 -6.25 6.99 1.73
C SER A 172 -7.05 7.84 2.71
N LYS A 173 -7.79 7.25 3.65
CA LYS A 173 -8.60 8.02 4.64
C LYS A 173 -7.99 8.01 6.04
N ASP A 174 -7.47 6.87 6.54
CA ASP A 174 -7.00 6.77 7.95
C ASP A 174 -5.51 6.40 8.04
N SER A 175 -4.82 6.33 6.91
CA SER A 175 -3.35 6.17 6.89
C SER A 175 -2.90 4.86 7.55
N THR A 176 -3.77 3.86 7.71
CA THR A 176 -3.36 2.56 8.28
C THR A 176 -3.08 1.53 7.19
N TYR A 177 -2.51 0.41 7.62
CA TYR A 177 -2.32 -0.82 6.85
C TYR A 177 -3.16 -1.94 7.47
N SER A 178 -3.45 -2.91 6.67
CA SER A 178 -3.98 -4.22 7.13
C SER A 178 -3.16 -5.34 6.50
N LEU A 179 -3.14 -6.50 7.16
CA LEU A 179 -2.22 -7.62 6.81
C LEU A 179 -3.03 -8.88 7.06
N SER A 180 -2.87 -9.80 6.13
CA SER A 180 -3.35 -11.19 6.26
C SER A 180 -2.15 -12.13 6.30
N SER A 181 -2.23 -13.14 7.15
CA SER A 181 -1.32 -14.30 7.10
C SER A 181 -2.17 -15.54 6.89
N THR A 182 -1.83 -16.35 5.91
CA THR A 182 -2.63 -17.54 5.56
C THR A 182 -1.74 -18.77 5.76
N LEU A 183 -2.10 -19.62 6.72
CA LEU A 183 -1.46 -20.93 7.00
C LEU A 183 -2.18 -22.00 6.17
N THR A 184 -1.46 -22.73 5.32
CA THR A 184 -2.10 -23.72 4.43
C THR A 184 -1.54 -25.10 4.76
N LEU A 185 -2.46 -26.01 5.06
CA LEU A 185 -2.18 -27.44 5.40
C LEU A 185 -3.12 -28.34 4.60
N SER A 186 -2.73 -29.61 4.41
CA SER A 186 -3.64 -30.70 3.96
C SER A 186 -4.69 -30.91 5.05
N LYS A 187 -5.92 -31.25 4.67
CA LYS A 187 -6.97 -31.80 5.58
C LYS A 187 -6.28 -32.71 6.60
N ALA A 188 -5.57 -33.73 6.11
CA ALA A 188 -4.86 -34.74 6.95
C ALA A 188 -4.01 -34.05 8.02
N ASP A 189 -3.13 -33.12 7.65
CA ASP A 189 -2.18 -32.49 8.60
C ASP A 189 -2.95 -31.61 9.60
N TYR A 190 -3.98 -30.92 9.12
CA TYR A 190 -4.84 -30.01 9.93
C TYR A 190 -5.46 -30.79 11.09
N GLU A 191 -6.01 -31.97 10.78
CA GLU A 191 -6.78 -32.82 11.74
C GLU A 191 -5.86 -33.53 12.74
N LYS A 192 -4.55 -33.44 12.58
CA LYS A 192 -3.58 -34.07 13.51
C LYS A 192 -3.35 -33.13 14.70
N HIS A 193 -3.95 -31.93 14.69
CA HIS A 193 -3.63 -30.91 15.71
C HIS A 193 -4.92 -30.27 16.21
N LYS A 194 -4.87 -29.74 17.41
CA LYS A 194 -6.03 -29.14 18.13
C LYS A 194 -5.96 -27.61 18.08
N VAL A 195 -4.92 -27.00 18.65
CA VAL A 195 -4.87 -25.53 18.96
C VAL A 195 -4.16 -24.81 17.81
N TYR A 196 -4.85 -23.83 17.23
CA TYR A 196 -4.37 -23.02 16.09
C TYR A 196 -4.33 -21.59 16.61
N ALA A 197 -3.13 -21.01 16.67
CA ALA A 197 -2.91 -19.69 17.28
C ALA A 197 -2.16 -18.76 16.30
N CYS A 198 -2.60 -17.51 16.23
CA CYS A 198 -1.90 -16.38 15.56
C CYS A 198 -1.35 -15.48 16.67
N GLU A 199 -0.03 -15.23 16.71
CA GLU A 199 0.60 -14.39 17.74
C GLU A 199 1.23 -13.17 17.07
N VAL A 200 0.82 -11.99 17.49
CA VAL A 200 1.10 -10.72 16.78
C VAL A 200 1.87 -9.78 17.69
N THR A 201 2.95 -9.15 17.17
CA THR A 201 3.63 -8.04 17.83
C THR A 201 3.65 -6.84 16.88
N HIS A 202 3.64 -5.70 17.50
CA HIS A 202 3.70 -4.39 16.82
C HIS A 202 4.27 -3.40 17.82
N GLN A 203 4.86 -2.32 17.38
CA GLN A 203 5.43 -1.33 18.32
C GLN A 203 4.32 -0.69 19.20
N GLY A 204 3.06 -0.73 18.76
CA GLY A 204 1.97 -0.09 19.52
C GLY A 204 1.34 -1.06 20.53
N LEU A 205 1.80 -2.31 20.63
CA LEU A 205 1.29 -3.35 21.59
C LEU A 205 2.29 -3.53 22.73
N SER A 206 1.85 -3.44 24.01
CA SER A 206 2.77 -3.59 25.17
C SER A 206 3.22 -5.04 25.32
N SER A 207 2.48 -6.00 24.76
CA SER A 207 2.77 -7.45 24.78
C SER A 207 2.07 -8.15 23.63
N PRO A 208 2.55 -9.32 23.19
CA PRO A 208 1.98 -9.98 22.03
C PRO A 208 0.49 -10.25 22.20
N VAL A 209 -0.26 -10.05 21.13
CA VAL A 209 -1.69 -10.44 21.06
C VAL A 209 -1.79 -11.83 20.42
N THR A 210 -2.44 -12.77 21.10
CA THR A 210 -2.70 -14.11 20.56
C THR A 210 -4.21 -14.20 20.34
N LYS A 211 -4.60 -14.61 19.15
CA LYS A 211 -5.93 -15.13 18.83
C LYS A 211 -5.80 -16.60 18.47
N SER A 212 -6.69 -17.44 19.02
CA SER A 212 -6.64 -18.90 18.81
C SER A 212 -8.04 -19.51 18.76
N PHE A 213 -8.11 -20.71 18.20
CA PHE A 213 -9.25 -21.65 18.31
C PHE A 213 -8.73 -23.08 18.47
N ASN A 214 -9.59 -23.90 19.06
CA ASN A 214 -9.46 -25.40 19.11
C ASN A 214 -10.25 -26.00 17.94
N ARG A 215 -9.61 -26.82 17.11
CA ARG A 215 -10.27 -27.52 15.98
C ARG A 215 -11.57 -28.14 16.49
N GLY A 216 -12.68 -27.85 15.83
CA GLY A 216 -14.01 -28.43 16.08
C GLY A 216 -14.86 -27.60 17.02
N GLU A 217 -14.27 -26.66 17.76
CA GLU A 217 -14.99 -25.90 18.82
C GLU A 217 -15.87 -24.84 18.17
N CYS A 218 -16.95 -24.50 18.83
CA CYS A 218 -17.99 -23.59 18.31
C CYS A 218 -17.45 -22.16 18.40
N GLU B 1 -17.27 15.25 -19.38
CA GLU B 1 -16.27 14.41 -18.64
C GLU B 1 -15.52 13.53 -19.64
N VAL B 2 -14.20 13.58 -19.62
CA VAL B 2 -13.35 12.72 -20.48
C VAL B 2 -13.46 11.29 -19.97
N GLN B 3 -13.67 10.32 -20.86
CA GLN B 3 -13.68 8.89 -20.49
C GLN B 3 -12.84 8.14 -21.51
N LEU B 4 -12.01 7.21 -21.04
CA LEU B 4 -11.19 6.30 -21.89
C LEU B 4 -11.41 4.91 -21.33
N VAL B 5 -12.02 3.99 -22.09
CA VAL B 5 -12.35 2.64 -21.59
C VAL B 5 -11.63 1.62 -22.46
N GLU B 6 -10.65 0.95 -21.88
CA GLU B 6 -9.89 -0.13 -22.54
C GLU B 6 -10.69 -1.42 -22.51
N SER B 7 -10.48 -2.27 -23.50
CA SER B 7 -10.89 -3.69 -23.50
C SER B 7 -9.95 -4.50 -24.38
N GLY B 8 -10.10 -5.81 -24.30
CA GLY B 8 -9.48 -6.79 -25.20
C GLY B 8 -8.31 -7.51 -24.54
N GLY B 9 -7.95 -7.15 -23.32
CA GLY B 9 -6.79 -7.79 -22.65
C GLY B 9 -7.19 -9.15 -22.15
N GLY B 10 -6.26 -9.83 -21.50
CA GLY B 10 -6.49 -11.13 -20.87
C GLY B 10 -5.29 -12.03 -21.08
N LEU B 11 -5.55 -13.32 -21.01
CA LEU B 11 -4.52 -14.38 -21.05
C LEU B 11 -4.25 -14.69 -22.51
N VAL B 12 -2.99 -14.77 -22.88
CA VAL B 12 -2.63 -15.07 -24.28
C VAL B 12 -1.35 -15.87 -24.24
N GLN B 13 -1.24 -16.82 -25.16
CA GLN B 13 -0.08 -17.72 -25.21
C GLN B 13 1.12 -16.97 -25.73
N PRO B 14 2.33 -17.34 -25.27
CA PRO B 14 3.55 -16.80 -25.87
C PRO B 14 3.49 -17.06 -27.39
N GLY B 15 3.89 -16.08 -28.19
CA GLY B 15 3.83 -16.09 -29.66
C GLY B 15 2.46 -15.70 -30.20
N GLY B 16 1.46 -15.57 -29.33
CA GLY B 16 0.05 -15.30 -29.66
C GLY B 16 -0.23 -13.82 -29.94
N SER B 17 -1.51 -13.49 -30.11
CA SER B 17 -1.98 -12.20 -30.67
C SER B 17 -3.14 -11.68 -29.82
N LEU B 18 -3.23 -10.35 -29.60
CA LEU B 18 -4.44 -9.75 -28.96
C LEU B 18 -4.61 -8.40 -29.63
N LYS B 19 -5.82 -7.87 -29.62
CA LYS B 19 -6.08 -6.49 -30.06
C LYS B 19 -6.78 -5.75 -28.94
N LEU B 20 -6.08 -4.75 -28.39
CA LEU B 20 -6.67 -3.88 -27.35
C LEU B 20 -7.45 -2.79 -28.06
N SER B 21 -8.55 -2.39 -27.43
N SER B 21 -8.54 -2.37 -27.45
CA SER B 21 -9.46 -1.31 -27.87
CA SER B 21 -9.30 -1.20 -27.92
C SER B 21 -9.57 -0.26 -26.76
C SER B 21 -9.46 -0.24 -26.77
N CYS B 22 -9.67 1.01 -27.12
CA CYS B 22 -9.93 2.10 -26.16
C CYS B 22 -11.03 2.98 -26.76
N ALA B 23 -12.21 2.94 -26.13
CA ALA B 23 -13.34 3.82 -26.50
C ALA B 23 -13.17 5.16 -25.78
N ALA B 24 -13.09 6.23 -26.54
CA ALA B 24 -12.85 7.61 -26.06
C ALA B 24 -14.16 8.37 -26.13
N SER B 25 -14.50 9.11 -25.09
CA SER B 25 -15.63 10.08 -25.16
C SER B 25 -15.33 11.32 -24.32
N GLY B 26 -16.11 12.37 -24.54
CA GLY B 26 -16.05 13.61 -23.73
C GLY B 26 -15.11 14.64 -24.29
N PHE B 27 -14.54 14.41 -25.48
CA PHE B 27 -13.62 15.35 -26.14
C PHE B 27 -13.66 15.06 -27.62
N THR B 28 -13.12 15.98 -28.41
CA THR B 28 -13.02 15.81 -29.86
C THR B 28 -11.81 14.91 -30.11
N PHE B 29 -12.05 13.61 -30.23
CA PHE B 29 -11.03 12.55 -30.35
C PHE B 29 -9.99 12.94 -31.41
N SER B 30 -10.42 13.38 -32.60
CA SER B 30 -9.55 13.67 -33.78
C SER B 30 -8.61 14.83 -33.51
N SER B 31 -8.85 15.59 -32.43
CA SER B 31 -8.04 16.78 -32.11
C SER B 31 -6.81 16.39 -31.27
N TYR B 32 -6.73 15.14 -30.82
CA TYR B 32 -5.71 14.75 -29.82
C TYR B 32 -4.89 13.54 -30.33
N GLY B 33 -3.57 13.67 -30.24
CA GLY B 33 -2.69 12.47 -30.16
C GLY B 33 -3.02 11.59 -28.96
N MET B 34 -2.72 10.31 -29.05
CA MET B 34 -3.10 9.30 -28.05
C MET B 34 -1.91 8.36 -27.89
N SER B 35 -1.80 7.78 -26.69
CA SER B 35 -0.70 6.84 -26.36
C SER B 35 -1.24 5.59 -25.67
N TRP B 36 -0.46 4.49 -25.73
CA TRP B 36 -0.55 3.31 -24.86
C TRP B 36 0.70 3.31 -23.98
N VAL B 37 0.48 3.29 -22.69
CA VAL B 37 1.51 3.22 -21.64
C VAL B 37 1.27 1.93 -20.88
N ARG B 38 2.33 1.12 -20.67
CA ARG B 38 2.16 -0.11 -19.86
C ARG B 38 2.90 0.01 -18.53
N GLN B 39 2.32 -0.67 -17.56
CA GLN B 39 2.88 -0.80 -16.19
C GLN B 39 3.12 -2.28 -15.90
N THR B 40 4.39 -2.59 -15.72
CA THR B 40 4.92 -3.95 -15.51
C THR B 40 4.82 -4.24 -14.01
N PRO B 41 4.96 -5.52 -13.64
CA PRO B 41 4.73 -5.90 -12.25
C PRO B 41 5.63 -5.17 -11.25
N ASP B 42 6.81 -4.70 -11.68
CA ASP B 42 7.76 -3.87 -10.90
C ASP B 42 7.26 -2.42 -10.72
N LYS B 43 6.11 -2.09 -11.31
CA LYS B 43 5.41 -0.77 -11.25
C LYS B 43 6.10 0.27 -12.12
N ARG B 44 7.06 -0.11 -12.94
N ARG B 44 7.08 -0.11 -12.93
CA ARG B 44 7.64 0.86 -13.89
CA ARG B 44 7.67 0.82 -13.93
C ARG B 44 6.60 1.17 -14.99
C ARG B 44 6.60 1.17 -14.98
N LEU B 45 6.59 2.42 -15.42
CA LEU B 45 5.76 2.89 -16.55
C LEU B 45 6.66 3.00 -17.76
N GLU B 46 6.16 2.57 -18.91
CA GLU B 46 6.92 2.67 -20.16
C GLU B 46 5.92 2.99 -21.27
N LEU B 47 6.20 4.00 -22.03
CA LEU B 47 5.39 4.33 -23.24
C LEU B 47 5.59 3.23 -24.28
N VAL B 48 4.52 2.62 -24.76
CA VAL B 48 4.55 1.51 -25.75
C VAL B 48 4.40 2.08 -27.17
N ALA B 49 3.48 3.01 -27.37
CA ALA B 49 3.21 3.57 -28.70
C ALA B 49 2.48 4.90 -28.58
N THR B 50 2.69 5.76 -29.55
CA THR B 50 1.96 7.05 -29.67
C THR B 50 1.45 7.15 -31.12
N ILE B 51 0.28 7.76 -31.25
CA ILE B 51 -0.26 8.13 -32.59
C ILE B 51 -0.62 9.61 -32.50
N ASN B 52 -0.22 10.41 -33.47
CA ASN B 52 -0.67 11.83 -33.55
C ASN B 52 -2.17 11.94 -33.85
N SER B 53 -2.69 13.16 -33.82
CA SER B 53 -4.16 13.38 -33.89
C SER B 53 -4.78 12.76 -35.16
N ASN B 54 -4.08 12.86 -36.28
CA ASN B 54 -4.68 12.48 -37.58
C ASN B 54 -4.33 11.03 -37.95
N GLY B 55 -3.34 10.44 -37.29
CA GLY B 55 -2.94 9.05 -37.59
C GLY B 55 -1.75 8.91 -38.51
N GLY B 56 -1.25 10.00 -39.07
CA GLY B 56 -0.12 9.98 -40.02
C GLY B 56 1.25 9.81 -39.38
N SER B 57 1.37 9.96 -38.07
CA SER B 57 2.66 9.80 -37.37
C SER B 57 2.49 8.85 -36.18
N THR B 58 3.38 7.84 -36.10
CA THR B 58 3.36 6.85 -35.01
C THR B 58 4.77 6.61 -34.47
N TYR B 59 4.83 6.41 -33.16
CA TYR B 59 6.04 5.99 -32.42
C TYR B 59 5.81 4.63 -31.77
N TYR B 60 6.84 3.78 -31.83
CA TYR B 60 6.86 2.49 -31.12
C TYR B 60 8.11 2.35 -30.26
N LEU B 61 7.92 1.86 -29.05
CA LEU B 61 9.04 1.37 -28.20
C LEU B 61 9.82 0.36 -29.04
N ASP B 62 11.15 0.50 -29.06
CA ASP B 62 12.05 -0.32 -29.91
C ASP B 62 11.69 -1.79 -29.75
N SER B 63 11.42 -2.24 -28.54
CA SER B 63 11.21 -3.68 -28.25
C SER B 63 9.87 -4.21 -28.76
N VAL B 64 8.96 -3.34 -29.24
CA VAL B 64 7.67 -3.78 -29.82
C VAL B 64 7.62 -3.50 -31.32
N LYS B 65 8.64 -2.89 -31.91
CA LYS B 65 8.65 -2.66 -33.38
C LYS B 65 8.52 -3.99 -34.11
N GLY B 66 7.69 -4.02 -35.16
CA GLY B 66 7.40 -5.22 -35.96
C GLY B 66 6.49 -6.20 -35.26
N ARG B 67 6.07 -5.91 -34.02
CA ARG B 67 5.19 -6.81 -33.25
C ARG B 67 3.84 -6.10 -33.02
N PHE B 68 3.88 -4.81 -32.70
CA PHE B 68 2.67 -4.08 -32.28
C PHE B 68 2.33 -3.01 -33.33
N THR B 69 1.03 -2.73 -33.50
CA THR B 69 0.56 -1.61 -34.36
C THR B 69 -0.45 -0.78 -33.61
N ILE B 70 -0.21 0.52 -33.53
CA ILE B 70 -1.21 1.47 -32.95
C ILE B 70 -2.01 2.03 -34.15
N SER B 71 -3.31 2.13 -33.98
CA SER B 71 -4.15 2.73 -35.03
C SER B 71 -5.35 3.42 -34.38
N ARG B 72 -6.10 4.17 -35.16
CA ARG B 72 -7.32 4.82 -34.63
C ARG B 72 -8.42 4.79 -35.70
N ASP B 73 -9.67 4.74 -35.26
CA ASP B 73 -10.86 4.81 -36.14
C ASP B 73 -11.70 6.04 -35.74
N LYS B 74 -11.71 7.06 -36.60
CA LYS B 74 -12.51 8.32 -36.39
C LYS B 74 -14.01 8.02 -36.27
N ALA B 75 -14.54 7.04 -37.00
CA ALA B 75 -15.98 6.69 -36.98
C ALA B 75 -16.36 6.34 -35.54
N LYS B 76 -15.55 5.53 -34.87
CA LYS B 76 -15.87 4.84 -33.59
C LYS B 76 -15.22 5.55 -32.38
N ASN B 77 -14.52 6.67 -32.60
CA ASN B 77 -13.68 7.34 -31.56
C ASN B 77 -12.96 6.25 -30.75
N THR B 78 -12.23 5.39 -31.47
CA THR B 78 -11.60 4.21 -30.84
C THR B 78 -10.14 4.16 -31.23
N LEU B 79 -9.30 3.93 -30.23
CA LEU B 79 -7.85 3.75 -30.37
C LEU B 79 -7.56 2.24 -30.26
N TYR B 80 -6.67 1.70 -31.07
CA TYR B 80 -6.33 0.26 -31.04
C TYR B 80 -4.85 0.02 -30.77
N LEU B 81 -4.57 -1.14 -30.15
CA LEU B 81 -3.19 -1.68 -30.12
C LEU B 81 -3.25 -3.15 -30.51
N GLN B 82 -2.84 -3.43 -31.75
CA GLN B 82 -2.67 -4.82 -32.22
C GLN B 82 -1.35 -5.32 -31.63
N MET B 83 -1.38 -6.44 -30.91
CA MET B 83 -0.17 -6.99 -30.25
C MET B 83 0.01 -8.41 -30.80
N SER B 84 1.14 -8.66 -31.44
N SER B 84 1.12 -8.66 -31.49
CA SER B 84 1.44 -9.97 -32.07
CA SER B 84 1.44 -9.97 -32.11
C SER B 84 2.78 -10.47 -31.55
C SER B 84 2.77 -10.47 -31.54
N SER B 85 3.09 -11.74 -31.78
CA SER B 85 4.38 -12.33 -31.30
C SER B 85 4.63 -11.93 -29.84
N LEU B 86 3.64 -12.20 -28.99
CA LEU B 86 3.65 -11.75 -27.59
C LEU B 86 4.71 -12.51 -26.79
N LYS B 87 5.37 -11.78 -25.93
CA LYS B 87 6.47 -12.31 -25.07
C LYS B 87 6.15 -12.05 -23.60
N SER B 88 6.77 -12.82 -22.70
N SER B 88 6.78 -12.83 -22.71
CA SER B 88 6.71 -12.63 -21.22
CA SER B 88 6.74 -12.65 -21.23
C SER B 88 6.88 -11.16 -20.83
C SER B 88 6.87 -11.17 -20.84
N GLU B 89 7.80 -10.45 -21.46
CA GLU B 89 8.08 -9.01 -21.19
C GLU B 89 6.85 -8.13 -21.46
N ASP B 90 5.88 -8.62 -22.23
CA ASP B 90 4.67 -7.81 -22.55
C ASP B 90 3.58 -7.96 -21.49
N THR B 91 3.73 -8.83 -20.48
CA THR B 91 2.76 -8.97 -19.37
C THR B 91 2.77 -7.64 -18.58
N ALA B 92 1.62 -6.98 -18.50
CA ALA B 92 1.55 -5.62 -17.95
C ALA B 92 0.10 -5.17 -17.95
N MET B 93 -0.15 -4.11 -17.21
CA MET B 93 -1.40 -3.33 -17.36
C MET B 93 -1.20 -2.35 -18.49
N TYR B 94 -2.13 -2.29 -19.44
CA TYR B 94 -2.05 -1.37 -20.59
C TYR B 94 -3.05 -0.27 -20.42
N TYR B 95 -2.56 0.97 -20.36
CA TYR B 95 -3.41 2.17 -20.20
C TYR B 95 -3.53 2.87 -21.53
N CYS B 96 -4.77 3.21 -21.88
CA CYS B 96 -5.12 4.17 -22.93
C CYS B 96 -4.94 5.58 -22.34
N VAL B 97 -4.25 6.43 -23.04
CA VAL B 97 -3.83 7.77 -22.55
C VAL B 97 -4.11 8.81 -23.62
N ARG B 98 -4.83 9.87 -23.22
CA ARG B 98 -4.95 11.05 -24.06
C ARG B 98 -3.63 11.81 -23.98
N GLY B 99 -3.03 12.18 -25.12
CA GLY B 99 -1.78 12.95 -25.17
C GLY B 99 -0.51 12.08 -25.23
N GLY B 100 0.61 12.65 -24.79
CA GLY B 100 1.93 12.05 -25.01
C GLY B 100 2.43 12.25 -26.43
N SER B 101 1.83 13.19 -27.17
CA SER B 101 2.17 13.50 -28.58
C SER B 101 2.89 14.83 -28.64
N ILE B 102 4.07 14.80 -29.24
CA ILE B 102 4.89 16.01 -29.47
C ILE B 102 5.11 16.24 -30.98
N TYR B 103 4.26 15.63 -31.79
CA TYR B 103 4.21 15.80 -33.25
C TYR B 103 3.62 17.16 -33.63
N ASP B 104 3.91 17.57 -34.88
CA ASP B 104 3.15 18.62 -35.59
C ASP B 104 3.34 19.97 -34.89
N GLY B 105 4.46 20.11 -34.19
CA GLY B 105 4.92 21.36 -33.53
C GLY B 105 4.21 21.64 -32.21
N TYR B 106 3.42 20.71 -31.70
CA TYR B 106 2.58 20.89 -30.51
C TYR B 106 2.92 19.77 -29.53
N ASP B 107 3.01 20.13 -28.26
CA ASP B 107 3.18 19.18 -27.14
C ASP B 107 1.88 19.11 -26.37
N TYR B 108 1.33 17.92 -26.30
CA TYR B 108 0.11 17.68 -25.52
C TYR B 108 0.43 16.64 -24.46
N ALA B 109 0.32 17.06 -23.19
CA ALA B 109 0.65 16.18 -22.02
C ALA B 109 -0.31 14.99 -21.91
N MET B 110 0.10 13.98 -21.13
CA MET B 110 -0.69 12.75 -20.85
C MET B 110 -1.69 13.06 -19.76
N ASP B 111 -2.79 13.73 -20.14
CA ASP B 111 -3.68 14.35 -19.14
C ASP B 111 -4.86 13.49 -18.72
N TYR B 112 -5.12 12.35 -19.37
N TYR B 112 -5.16 12.40 -19.42
CA TYR B 112 -6.23 11.45 -19.01
CA TYR B 112 -6.20 11.47 -18.97
C TYR B 112 -5.82 10.02 -19.32
C TYR B 112 -5.80 10.03 -19.31
N TRP B 113 -5.97 9.15 -18.35
CA TRP B 113 -5.59 7.72 -18.42
C TRP B 113 -6.83 6.90 -18.11
N GLY B 114 -7.06 5.87 -18.88
CA GLY B 114 -8.09 4.88 -18.56
C GLY B 114 -7.74 4.01 -17.36
N GLN B 115 -8.69 3.17 -16.89
CA GLN B 115 -8.46 2.30 -15.71
C GLN B 115 -7.47 1.18 -16.06
N GLY B 116 -7.34 0.90 -17.36
CA GLY B 116 -6.36 -0.07 -17.87
C GLY B 116 -6.95 -1.45 -18.13
N THR B 117 -6.33 -2.21 -19.03
CA THR B 117 -6.73 -3.60 -19.36
C THR B 117 -5.47 -4.45 -19.13
N SER B 118 -5.61 -5.52 -18.39
CA SER B 118 -4.51 -6.44 -18.00
C SER B 118 -4.17 -7.40 -19.16
N VAL B 119 -2.90 -7.63 -19.42
CA VAL B 119 -2.44 -8.68 -20.36
C VAL B 119 -1.51 -9.62 -19.62
N THR B 120 -1.75 -10.92 -19.74
CA THR B 120 -0.89 -11.96 -19.13
C THR B 120 -0.47 -12.91 -20.25
N VAL B 121 0.82 -12.91 -20.53
CA VAL B 121 1.37 -13.76 -21.58
C VAL B 121 1.88 -15.01 -20.88
N SER B 122 1.17 -16.11 -21.12
CA SER B 122 1.51 -17.38 -20.46
C SER B 122 0.84 -18.56 -21.18
N SER B 123 1.52 -19.70 -21.19
CA SER B 123 0.97 -20.97 -21.70
C SER B 123 0.10 -21.66 -20.64
N ALA B 124 0.05 -21.18 -19.40
CA ALA B 124 -0.72 -21.84 -18.32
C ALA B 124 -2.20 -21.68 -18.66
N SER B 125 -3.01 -22.64 -18.20
N SER B 125 -3.02 -22.66 -18.30
CA SER B 125 -4.48 -22.69 -18.45
CA SER B 125 -4.48 -22.62 -18.57
C SER B 125 -5.18 -21.78 -17.45
C SER B 125 -5.14 -21.74 -17.51
N THR B 126 -6.27 -21.15 -17.87
CA THR B 126 -7.18 -20.42 -16.97
C THR B 126 -7.72 -21.38 -15.92
N LYS B 127 -7.79 -20.91 -14.69
CA LYS B 127 -8.45 -21.61 -13.57
C LYS B 127 -9.31 -20.61 -12.80
N GLY B 128 -10.61 -20.89 -12.68
CA GLY B 128 -11.52 -20.11 -11.82
C GLY B 128 -11.26 -20.40 -10.35
N PRO B 129 -11.50 -19.42 -9.46
CA PRO B 129 -11.29 -19.61 -8.03
C PRO B 129 -12.38 -20.42 -7.34
N SER B 130 -12.04 -21.07 -6.24
CA SER B 130 -13.02 -21.49 -5.20
C SER B 130 -13.19 -20.31 -4.27
N VAL B 131 -14.41 -20.08 -3.79
CA VAL B 131 -14.75 -19.02 -2.81
C VAL B 131 -15.25 -19.65 -1.51
N PHE B 132 -14.56 -19.42 -0.41
CA PHE B 132 -14.87 -19.99 0.92
C PHE B 132 -15.15 -18.87 1.93
N PRO B 133 -16.07 -19.09 2.87
CA PRO B 133 -16.38 -18.09 3.91
C PRO B 133 -15.25 -17.97 4.94
N LEU B 134 -15.01 -16.75 5.43
CA LEU B 134 -14.16 -16.46 6.61
C LEU B 134 -15.12 -15.97 7.69
N ALA B 135 -15.42 -16.83 8.65
CA ALA B 135 -16.57 -16.63 9.56
C ALA B 135 -16.06 -16.28 10.94
N PRO B 136 -16.58 -15.21 11.55
CA PRO B 136 -16.05 -14.65 12.80
C PRO B 136 -15.31 -15.65 13.72
N SER B 142 -17.71 -10.20 20.12
CA SER B 142 -17.16 -10.20 21.50
C SER B 142 -16.81 -8.77 21.95
N GLY B 143 -15.78 -8.13 21.35
CA GLY B 143 -15.25 -6.81 21.76
C GLY B 143 -16.00 -5.63 21.13
N GLY B 144 -17.22 -5.86 20.67
CA GLY B 144 -18.02 -4.81 19.99
C GLY B 144 -17.80 -4.85 18.50
N THR B 145 -16.60 -5.27 18.05
CA THR B 145 -16.28 -5.37 16.60
C THR B 145 -15.95 -6.81 16.20
N ALA B 146 -16.60 -7.27 15.13
CA ALA B 146 -16.38 -8.57 14.46
C ALA B 146 -15.81 -8.38 13.04
N ALA B 147 -15.11 -9.41 12.55
CA ALA B 147 -14.61 -9.43 11.16
C ALA B 147 -15.16 -10.65 10.45
N LEU B 148 -15.48 -10.51 9.18
CA LEU B 148 -15.81 -11.66 8.32
C LEU B 148 -15.18 -11.41 6.95
N GLY B 149 -15.31 -12.37 6.06
CA GLY B 149 -14.63 -12.27 4.76
C GLY B 149 -14.91 -13.43 3.85
N CYS B 150 -14.22 -13.42 2.70
CA CYS B 150 -14.25 -14.45 1.63
C CYS B 150 -12.80 -14.73 1.24
N LEU B 151 -12.44 -16.01 1.28
CA LEU B 151 -11.15 -16.52 0.73
C LEU B 151 -11.39 -16.95 -0.72
N VAL B 152 -10.66 -16.34 -1.64
CA VAL B 152 -10.80 -16.52 -3.11
C VAL B 152 -9.56 -17.27 -3.58
N LYS B 153 -9.66 -18.60 -3.70
CA LYS B 153 -8.50 -19.54 -3.67
C LYS B 153 -8.23 -20.11 -5.07
N ASP B 154 -6.96 -20.11 -5.48
CA ASP B 154 -6.40 -20.93 -6.61
C ASP B 154 -6.99 -20.52 -7.94
N TYR B 155 -6.63 -19.33 -8.43
CA TYR B 155 -7.14 -18.86 -9.76
C TYR B 155 -5.94 -18.42 -10.58
N PHE B 156 -6.15 -18.33 -11.88
CA PHE B 156 -5.14 -17.88 -12.87
C PHE B 156 -5.87 -17.45 -14.13
N PRO B 157 -5.51 -16.31 -14.75
CA PRO B 157 -4.51 -15.37 -14.23
C PRO B 157 -5.23 -14.34 -13.38
N GLU B 158 -4.51 -13.29 -12.97
N GLU B 158 -4.52 -13.29 -12.96
CA GLU B 158 -5.14 -12.08 -12.38
CA GLU B 158 -5.13 -12.08 -12.37
C GLU B 158 -5.96 -11.40 -13.45
C GLU B 158 -5.96 -11.40 -13.45
N PRO B 159 -6.96 -10.54 -13.11
CA PRO B 159 -7.33 -10.25 -11.73
C PRO B 159 -8.67 -10.88 -11.32
N VAL B 160 -8.97 -10.74 -10.04
CA VAL B 160 -10.29 -11.00 -9.43
C VAL B 160 -10.79 -9.67 -8.86
N THR B 161 -12.11 -9.39 -8.97
CA THR B 161 -12.77 -8.28 -8.25
C THR B 161 -13.72 -8.83 -7.19
N VAL B 162 -13.81 -8.13 -6.07
CA VAL B 162 -14.71 -8.46 -4.94
C VAL B 162 -15.49 -7.22 -4.50
N SER B 163 -16.80 -7.33 -4.47
CA SER B 163 -17.69 -6.36 -3.81
C SER B 163 -18.39 -7.09 -2.66
N TRP B 164 -19.02 -6.31 -1.78
CA TRP B 164 -19.88 -6.77 -0.67
C TRP B 164 -21.30 -6.21 -0.82
N ASN B 165 -22.30 -7.01 -0.41
CA ASN B 165 -23.74 -6.62 -0.41
C ASN B 165 -23.97 -5.83 -1.70
N SER B 166 -23.44 -6.36 -2.81
CA SER B 166 -23.58 -5.89 -4.22
C SER B 166 -23.07 -4.46 -4.45
N GLY B 167 -22.21 -3.92 -3.56
CA GLY B 167 -21.67 -2.54 -3.68
C GLY B 167 -22.24 -1.61 -2.62
N ALA B 168 -23.16 -2.10 -1.78
CA ALA B 168 -23.82 -1.34 -0.68
C ALA B 168 -22.95 -1.33 0.57
N LEU B 169 -22.05 -2.31 0.76
CA LEU B 169 -21.06 -2.34 1.86
C LEU B 169 -19.68 -2.07 1.25
N THR B 170 -19.12 -0.89 1.56
CA THR B 170 -17.77 -0.46 1.10
C THR B 170 -16.95 -0.07 2.33
N SER B 171 -17.61 0.43 3.38
CA SER B 171 -16.98 0.88 4.64
C SER B 171 -16.32 -0.29 5.39
N GLY B 172 -15.01 -0.19 5.67
CA GLY B 172 -14.25 -1.17 6.45
C GLY B 172 -13.92 -2.43 5.65
N VAL B 173 -14.05 -2.39 4.34
CA VAL B 173 -13.68 -3.50 3.42
C VAL B 173 -12.17 -3.41 3.13
N HIS B 174 -11.44 -4.49 3.30
CA HIS B 174 -10.05 -4.63 2.78
C HIS B 174 -10.01 -5.85 1.88
N THR B 175 -9.80 -5.61 0.59
CA THR B 175 -9.54 -6.71 -0.37
C THR B 175 -8.02 -6.73 -0.56
N PHE B 176 -7.38 -7.79 -0.11
CA PHE B 176 -5.89 -7.89 -0.12
C PHE B 176 -5.38 -8.06 -1.54
N PRO B 177 -4.14 -7.55 -1.83
CA PRO B 177 -3.41 -7.93 -3.02
C PRO B 177 -3.33 -9.45 -3.07
N ALA B 178 -3.45 -10.01 -4.28
CA ALA B 178 -3.31 -11.47 -4.46
C ALA B 178 -1.90 -11.91 -4.06
N VAL B 179 -1.76 -13.16 -3.62
CA VAL B 179 -0.42 -13.80 -3.49
C VAL B 179 -0.30 -14.91 -4.54
N LEU B 180 0.89 -15.06 -5.12
CA LEU B 180 1.25 -16.19 -5.99
C LEU B 180 1.67 -17.34 -5.07
N GLN B 181 0.95 -18.44 -5.16
CA GLN B 181 1.21 -19.63 -4.31
C GLN B 181 2.35 -20.45 -4.92
N SER B 182 2.82 -21.44 -4.17
CA SER B 182 3.89 -22.40 -4.57
C SER B 182 3.50 -23.13 -5.85
N SER B 183 2.20 -23.17 -6.14
CA SER B 183 1.56 -23.92 -7.25
C SER B 183 1.47 -23.08 -8.52
N GLY B 184 1.84 -21.79 -8.49
CA GLY B 184 1.66 -20.89 -9.65
C GLY B 184 0.20 -20.50 -9.86
N LEU B 185 -0.66 -20.69 -8.87
CA LEU B 185 -2.05 -20.16 -8.87
C LEU B 185 -2.15 -19.04 -7.83
N TYR B 186 -3.02 -18.05 -8.05
CA TYR B 186 -3.19 -16.92 -7.11
C TYR B 186 -4.28 -17.20 -6.08
N SER B 187 -4.22 -16.43 -4.99
N SER B 187 -4.16 -16.58 -4.90
CA SER B 187 -5.17 -16.50 -3.87
CA SER B 187 -5.25 -16.49 -3.90
C SER B 187 -5.25 -15.14 -3.17
C SER B 187 -5.31 -15.06 -3.37
N LEU B 188 -6.46 -14.69 -2.85
CA LEU B 188 -6.62 -13.46 -2.05
C LEU B 188 -7.74 -13.68 -1.04
N SER B 189 -7.79 -12.80 -0.07
CA SER B 189 -8.93 -12.64 0.85
C SER B 189 -9.49 -11.24 0.75
N SER B 190 -10.79 -11.14 0.94
CA SER B 190 -11.52 -9.86 1.13
C SER B 190 -12.22 -9.93 2.48
N VAL B 191 -11.99 -8.96 3.34
CA VAL B 191 -12.56 -8.95 4.71
C VAL B 191 -13.29 -7.64 4.93
N VAL B 192 -14.12 -7.64 5.95
CA VAL B 192 -14.88 -6.43 6.35
C VAL B 192 -15.14 -6.52 7.85
N THR B 193 -15.02 -5.40 8.56
CA THR B 193 -15.30 -5.32 10.01
C THR B 193 -16.69 -4.68 10.18
N VAL B 194 -17.43 -5.11 11.20
CA VAL B 194 -18.81 -4.63 11.52
C VAL B 194 -19.02 -4.66 13.04
N PRO B 195 -20.09 -3.99 13.54
CA PRO B 195 -20.51 -4.18 14.93
C PRO B 195 -20.75 -5.66 15.25
N SER B 196 -20.19 -6.16 16.36
CA SER B 196 -20.44 -7.54 16.87
C SER B 196 -21.96 -7.82 16.84
N SER B 197 -22.76 -6.79 17.19
CA SER B 197 -24.24 -6.84 17.38
C SER B 197 -24.97 -7.16 16.07
N SER B 198 -24.39 -6.84 14.91
CA SER B 198 -25.06 -6.96 13.59
C SER B 198 -25.11 -8.43 13.11
N LEU B 199 -24.31 -9.32 13.71
CA LEU B 199 -24.23 -10.77 13.31
C LEU B 199 -25.56 -11.46 13.66
N GLY B 200 -26.22 -12.02 12.66
CA GLY B 200 -27.60 -12.54 12.79
C GLY B 200 -28.60 -11.56 12.21
N THR B 201 -28.51 -10.30 12.61
CA THR B 201 -29.38 -9.19 12.12
C THR B 201 -29.11 -8.90 10.64
N GLN B 202 -27.91 -8.43 10.29
CA GLN B 202 -27.59 -7.97 8.91
C GLN B 202 -27.04 -9.15 8.09
N THR B 203 -27.43 -9.25 6.82
CA THR B 203 -26.92 -10.25 5.85
C THR B 203 -25.67 -9.71 5.14
N TYR B 204 -24.62 -10.54 5.06
CA TYR B 204 -23.29 -10.21 4.48
C TYR B 204 -22.93 -11.21 3.39
N ILE B 205 -22.90 -10.74 2.14
CA ILE B 205 -22.61 -11.57 0.93
C ILE B 205 -21.42 -10.94 0.18
N CYS B 206 -20.40 -11.73 -0.16
CA CYS B 206 -19.31 -11.29 -1.07
C CYS B 206 -19.64 -11.66 -2.50
N ASN B 207 -19.29 -10.78 -3.44
CA ASN B 207 -19.61 -10.89 -4.89
C ASN B 207 -18.26 -11.00 -5.63
N VAL B 208 -17.94 -12.19 -6.11
CA VAL B 208 -16.60 -12.49 -6.69
C VAL B 208 -16.73 -12.70 -8.19
N ASN B 209 -15.82 -12.08 -8.93
CA ASN B 209 -15.81 -12.00 -10.40
C ASN B 209 -14.40 -12.32 -10.89
N HIS B 210 -14.25 -13.40 -11.66
CA HIS B 210 -13.01 -13.75 -12.40
C HIS B 210 -13.35 -13.82 -13.88
N LYS B 211 -13.22 -12.71 -14.60
CA LYS B 211 -13.68 -12.60 -16.01
C LYS B 211 -12.94 -13.62 -16.86
N PRO B 212 -11.61 -13.83 -16.68
CA PRO B 212 -10.89 -14.79 -17.52
C PRO B 212 -11.47 -16.23 -17.51
N SER B 213 -12.22 -16.62 -16.47
CA SER B 213 -12.80 -17.98 -16.31
C SER B 213 -14.33 -17.92 -16.41
N ASN B 214 -14.86 -16.72 -16.68
CA ASN B 214 -16.32 -16.44 -16.68
C ASN B 214 -16.96 -16.97 -15.40
N THR B 215 -16.27 -16.82 -14.26
CA THR B 215 -16.72 -17.25 -12.92
C THR B 215 -17.28 -16.04 -12.17
N LYS B 216 -18.55 -16.10 -11.79
CA LYS B 216 -19.21 -15.11 -10.90
C LYS B 216 -19.80 -15.90 -9.74
N VAL B 217 -19.53 -15.49 -8.51
CA VAL B 217 -19.96 -16.22 -7.29
C VAL B 217 -20.42 -15.21 -6.24
N ASP B 218 -21.65 -15.32 -5.79
CA ASP B 218 -22.13 -14.62 -4.58
C ASP B 218 -22.14 -15.68 -3.47
N LYS B 219 -21.42 -15.45 -2.37
CA LYS B 219 -21.34 -16.37 -1.21
C LYS B 219 -21.87 -15.64 0.02
N LYS B 220 -22.96 -16.16 0.59
CA LYS B 220 -23.50 -15.71 1.90
C LYS B 220 -22.46 -16.07 2.94
N VAL B 221 -22.06 -15.13 3.78
CA VAL B 221 -21.07 -15.38 4.87
C VAL B 221 -21.80 -15.22 6.20
N GLU B 222 -22.03 -16.34 6.86
CA GLU B 222 -22.79 -16.44 8.14
C GLU B 222 -21.86 -17.02 9.20
N PRO B 223 -22.04 -16.63 10.47
CA PRO B 223 -21.28 -17.24 11.55
C PRO B 223 -21.91 -18.63 11.77
N LYS B 224 -21.19 -19.61 12.34
CA LYS B 224 -21.73 -20.99 12.52
C LYS B 224 -22.74 -20.99 13.68
N SER B 225 -23.95 -21.49 13.42
CA SER B 225 -24.93 -21.91 14.46
C SER B 225 -24.40 -23.18 15.11
N CYS B 226 -24.14 -23.14 16.43
CA CYS B 226 -23.63 -24.28 17.25
C CYS B 226 -23.67 -23.91 18.74
N MET C 1 20.20 -11.21 32.51
CA MET C 1 19.46 -10.01 32.02
C MET C 1 20.28 -9.34 30.90
N GLN C 2 20.09 -9.77 29.64
CA GLN C 2 20.80 -9.21 28.45
C GLN C 2 20.69 -7.69 28.45
N VAL C 3 19.57 -7.12 28.87
CA VAL C 3 19.43 -5.63 29.02
C VAL C 3 18.80 -5.34 30.38
N GLN C 4 19.32 -4.35 31.10
CA GLN C 4 18.55 -3.73 32.22
C GLN C 4 18.22 -2.27 31.87
N LEU C 5 17.01 -1.85 32.20
CA LEU C 5 16.53 -0.47 31.94
C LEU C 5 16.21 0.20 33.27
N GLN C 6 16.57 1.47 33.46
CA GLN C 6 16.08 2.23 34.63
C GLN C 6 15.53 3.59 34.19
N GLU C 7 14.23 3.80 34.40
CA GLU C 7 13.57 5.11 34.24
C GLU C 7 13.93 6.01 35.43
N SER C 8 14.02 7.30 35.19
CA SER C 8 14.15 8.33 36.25
C SER C 8 13.61 9.67 35.76
N GLY C 9 13.47 10.64 36.68
CA GLY C 9 12.95 11.97 36.36
C GLY C 9 11.47 12.10 36.71
N GLY C 10 10.85 11.06 37.24
CA GLY C 10 9.42 11.06 37.60
C GLY C 10 9.16 11.99 38.77
N GLY C 11 7.92 12.34 39.04
CA GLY C 11 7.67 13.33 40.12
C GLY C 11 6.32 14.01 40.01
N LEU C 12 6.09 14.91 40.96
CA LEU C 12 4.84 15.67 41.11
C LEU C 12 5.03 16.99 40.37
N VAL C 13 4.10 17.33 39.48
CA VAL C 13 4.17 18.57 38.65
C VAL C 13 2.78 19.23 38.62
N GLN C 14 2.75 20.55 38.49
CA GLN C 14 1.50 21.32 38.32
C GLN C 14 0.95 21.04 36.93
N PRO C 15 -0.39 21.02 36.73
CA PRO C 15 -0.96 21.03 35.38
C PRO C 15 -0.34 22.18 34.57
N GLY C 16 -0.07 21.94 33.30
CA GLY C 16 0.59 22.94 32.42
C GLY C 16 2.10 22.82 32.46
N GLY C 17 2.65 22.07 33.43
CA GLY C 17 4.09 21.94 33.68
C GLY C 17 4.77 20.97 32.73
N SER C 18 6.08 20.83 32.89
N SER C 18 6.08 20.82 32.85
CA SER C 18 6.98 20.01 32.04
CA SER C 18 6.92 19.96 31.98
C SER C 18 7.82 19.07 32.90
C SER C 18 7.85 19.11 32.84
N LEU C 19 8.18 17.90 32.36
CA LEU C 19 9.07 16.93 33.02
C LEU C 19 9.89 16.25 31.91
N ARG C 20 11.14 15.87 32.17
CA ARG C 20 11.98 15.13 31.21
C ARG C 20 12.35 13.83 31.88
N LEU C 21 11.87 12.72 31.35
CA LEU C 21 12.21 11.38 31.86
C LEU C 21 13.45 10.88 31.11
N SER C 22 14.22 10.06 31.79
CA SER C 22 15.41 9.34 31.29
C SER C 22 15.16 7.85 31.42
N CYS C 23 15.72 7.10 30.48
CA CYS C 23 15.72 5.64 30.49
C CYS C 23 17.14 5.19 30.17
N ALA C 24 17.87 4.73 31.17
CA ALA C 24 19.29 4.33 31.04
C ALA C 24 19.33 2.83 30.82
N ALA C 25 20.10 2.35 29.83
CA ALA C 25 20.20 0.91 29.53
C ALA C 25 21.58 0.38 29.94
N SER C 26 21.63 -0.79 30.59
N SER C 26 21.63 -0.75 30.62
CA SER C 26 22.87 -1.56 30.92
CA SER C 26 22.85 -1.57 30.84
C SER C 26 22.73 -3.01 30.45
C SER C 26 22.69 -2.92 30.14
N GLY C 27 23.81 -3.59 29.91
CA GLY C 27 23.84 -4.92 29.26
C GLY C 27 24.35 -4.79 27.84
N ARG C 28 23.47 -4.85 26.85
CA ARG C 28 23.78 -4.52 25.43
C ARG C 28 23.76 -3.01 25.29
N THR C 29 24.37 -2.49 24.22
CA THR C 29 24.31 -1.10 23.75
C THR C 29 22.99 -0.92 22.99
N ILE C 30 22.42 0.30 22.98
CA ILE C 30 21.04 0.60 22.50
C ILE C 30 21.02 0.99 21.01
N SER C 31 22.16 1.42 20.44
CA SER C 31 22.29 2.02 19.09
C SER C 31 21.40 1.32 18.05
N ARG C 32 21.33 0.00 18.06
CA ARG C 32 20.76 -0.82 16.96
C ARG C 32 19.24 -0.95 17.15
N TYR C 33 18.69 -0.48 18.29
CA TYR C 33 17.33 -0.88 18.70
C TYR C 33 16.47 0.34 18.89
N ALA C 34 15.22 0.23 18.47
CA ALA C 34 14.16 1.16 18.91
C ALA C 34 13.96 1.07 20.43
N MET C 35 13.62 2.20 21.02
CA MET C 35 13.32 2.38 22.47
C MET C 35 11.94 3.01 22.56
N SER C 36 11.05 2.42 23.35
CA SER C 36 9.65 2.90 23.47
C SER C 36 9.37 3.34 24.90
N TRP C 37 8.45 4.29 25.00
CA TRP C 37 7.80 4.68 26.27
C TRP C 37 6.36 4.17 26.26
N PHE C 38 5.95 3.65 27.42
CA PHE C 38 4.56 3.23 27.72
C PHE C 38 4.16 3.89 29.04
N ARG C 39 2.86 3.83 29.35
CA ARG C 39 2.44 4.37 30.65
C ARG C 39 1.26 3.55 31.14
N GLN C 40 1.14 3.47 32.47
CA GLN C 40 -0.01 2.78 33.09
C GLN C 40 -0.61 3.66 34.19
N ALA C 41 -1.82 4.19 33.97
CA ALA C 41 -2.69 4.88 34.96
C ALA C 41 -3.20 3.83 35.94
N PRO C 42 -3.79 4.22 37.10
CA PRO C 42 -4.27 3.25 38.08
C PRO C 42 -5.43 2.38 37.55
N GLY C 43 -5.38 1.07 37.83
CA GLY C 43 -6.28 0.06 37.27
C GLY C 43 -6.62 0.37 35.82
N LYS C 44 -5.61 0.44 34.95
CA LYS C 44 -5.74 0.66 33.49
C LYS C 44 -4.75 -0.25 32.78
N GLU C 45 -4.97 -0.57 31.51
CA GLU C 45 -3.96 -1.29 30.70
C GLU C 45 -2.76 -0.36 30.48
N ARG C 46 -1.55 -0.94 30.44
CA ARG C 46 -0.33 -0.31 29.88
C ARG C 46 -0.66 0.24 28.49
N GLU C 47 -0.29 1.49 28.19
CA GLU C 47 -0.55 2.04 26.84
C GLU C 47 0.71 2.65 26.25
N PHE C 48 0.78 2.52 24.94
CA PHE C 48 1.86 3.10 24.11
C PHE C 48 1.85 4.62 24.26
N VAL C 49 3.04 5.22 24.36
CA VAL C 49 3.26 6.69 24.39
C VAL C 49 4.09 7.09 23.15
N ALA C 50 5.31 6.57 23.03
CA ALA C 50 6.20 7.03 21.94
C ALA C 50 7.28 6.01 21.63
N VAL C 51 7.83 6.10 20.41
CA VAL C 51 9.04 5.26 20.07
C VAL C 51 10.05 6.13 19.37
N ALA C 52 11.31 5.98 19.80
CA ALA C 52 12.49 6.52 19.12
C ALA C 52 13.17 5.34 18.44
N ARG C 53 13.03 5.23 17.11
CA ARG C 53 13.76 4.20 16.34
C ARG C 53 15.24 4.61 16.25
N ARG C 54 16.03 3.81 15.56
CA ARG C 54 17.47 4.14 15.40
C ARG C 54 17.59 5.55 14.85
N SER C 55 18.67 6.25 15.19
N SER C 55 18.75 6.18 15.09
CA SER C 55 18.88 7.61 14.66
CA SER C 55 19.14 7.46 14.46
C SER C 55 18.70 7.57 13.13
C SER C 55 18.67 7.47 13.00
N GLY C 56 17.85 8.46 12.61
CA GLY C 56 17.46 8.62 11.20
C GLY C 56 16.19 7.86 10.81
N ASP C 57 15.68 6.96 11.65
CA ASP C 57 14.46 6.13 11.37
C ASP C 57 13.21 6.73 12.02
N GLY C 58 13.35 7.84 12.72
CA GLY C 58 12.23 8.69 13.19
C GLY C 58 11.64 8.27 14.53
N ALA C 59 10.71 9.10 15.00
CA ALA C 59 9.95 8.97 16.25
C ALA C 59 8.47 8.83 15.89
N PHE C 60 7.72 8.01 16.63
CA PHE C 60 6.28 7.83 16.37
C PHE C 60 5.57 8.01 17.72
N TYR C 61 4.34 8.53 17.69
CA TYR C 61 3.63 8.97 18.91
C TYR C 61 2.21 8.42 18.95
N ALA C 62 1.72 8.24 20.18
CA ALA C 62 0.29 8.03 20.49
C ALA C 62 -0.53 9.32 20.24
N ASP C 63 -1.79 9.11 19.89
CA ASP C 63 -2.84 10.16 19.78
C ASP C 63 -2.88 11.08 21.00
N SER C 64 -2.77 10.50 22.19
CA SER C 64 -2.91 11.17 23.51
C SER C 64 -1.77 12.16 23.77
N VAL C 65 -0.64 12.04 23.06
CA VAL C 65 0.55 12.85 23.41
C VAL C 65 1.11 13.57 22.20
N GLN C 66 0.57 13.35 21.01
CA GLN C 66 1.02 14.03 19.75
C GLN C 66 1.01 15.54 20.03
N GLY C 67 2.14 16.21 19.78
CA GLY C 67 2.33 17.66 19.85
C GLY C 67 2.88 18.11 21.18
N ARG C 68 2.71 17.33 22.26
CA ARG C 68 3.13 17.72 23.63
C ARG C 68 4.38 16.97 24.06
N PHE C 69 4.53 15.70 23.67
CA PHE C 69 5.70 14.89 24.11
C PHE C 69 6.68 14.73 22.94
N THR C 70 7.98 14.77 23.27
CA THR C 70 9.10 14.46 22.32
C THR C 70 9.99 13.35 22.89
N VAL C 71 10.30 12.34 22.07
CA VAL C 71 11.28 11.27 22.43
C VAL C 71 12.60 11.62 21.70
N SER C 72 13.74 11.32 22.33
CA SER C 72 15.08 11.56 21.74
C SER C 72 16.05 10.55 22.34
N ARG C 73 17.23 10.43 21.75
CA ARG C 73 18.18 9.40 22.22
C ARG C 73 19.60 9.99 22.26
N ASP C 74 20.40 9.41 23.16
CA ASP C 74 21.88 9.58 23.26
C ASP C 74 22.50 8.19 23.27
N ASP C 75 22.86 7.65 22.10
CA ASP C 75 23.41 6.29 21.98
C ASP C 75 24.72 6.20 22.79
N ALA C 76 25.51 7.27 22.84
CA ALA C 76 26.83 7.32 23.52
C ALA C 76 26.63 7.03 25.02
N LYS C 77 25.57 7.57 25.59
CA LYS C 77 25.19 7.35 27.02
C LYS C 77 24.18 6.21 27.17
N ASN C 78 23.90 5.45 26.11
CA ASN C 78 22.89 4.35 26.10
C ASN C 78 21.64 4.82 26.88
N THR C 79 21.20 6.06 26.63
CA THR C 79 20.03 6.69 27.32
C THR C 79 19.03 7.20 26.27
N VAL C 80 17.73 7.04 26.58
CA VAL C 80 16.65 7.72 25.84
C VAL C 80 15.82 8.58 26.80
N TYR C 81 15.25 9.66 26.25
CA TYR C 81 14.54 10.74 26.97
C TYR C 81 13.11 10.83 26.48
N LEU C 82 12.22 11.22 27.40
CA LEU C 82 10.87 11.69 27.06
C LEU C 82 10.68 13.09 27.63
N GLN C 83 10.62 14.09 26.78
CA GLN C 83 10.31 15.48 27.13
C GLN C 83 8.80 15.58 27.15
N MET C 84 8.20 15.88 28.31
CA MET C 84 6.72 15.95 28.43
C MET C 84 6.37 17.41 28.73
N ASN C 85 5.70 18.07 27.80
CA ASN C 85 5.28 19.48 27.96
C ASN C 85 3.76 19.50 28.13
N SER C 86 3.26 20.64 28.61
CA SER C 86 1.80 20.95 28.68
C SER C 86 1.09 19.78 29.36
N LEU C 87 1.61 19.39 30.51
CA LEU C 87 1.11 18.19 31.22
C LEU C 87 -0.34 18.44 31.70
N LYS C 88 -1.15 17.38 31.67
CA LYS C 88 -2.56 17.35 32.12
C LYS C 88 -2.71 16.31 33.23
N PRO C 89 -3.71 16.44 34.11
CA PRO C 89 -3.97 15.40 35.11
C PRO C 89 -4.15 13.99 34.51
N GLU C 90 -4.74 13.89 33.32
CA GLU C 90 -4.96 12.62 32.57
C GLU C 90 -3.59 11.97 32.23
N ASP C 91 -2.47 12.70 32.34
CA ASP C 91 -1.11 12.14 32.05
C ASP C 91 -0.49 11.42 33.27
N THR C 92 -1.18 11.44 34.42
CA THR C 92 -0.68 10.80 35.67
C THR C 92 -0.61 9.30 35.43
N ALA C 93 0.55 8.70 35.73
CA ALA C 93 0.81 7.29 35.41
C ALA C 93 2.23 6.94 35.81
N VAL C 94 2.49 5.65 35.95
CA VAL C 94 3.87 5.08 35.92
C VAL C 94 4.30 5.00 34.44
N TYR C 95 5.42 5.61 34.14
CA TYR C 95 6.02 5.64 32.76
C TYR C 95 7.10 4.58 32.75
N TYR C 96 7.04 3.73 31.73
CA TYR C 96 8.02 2.64 31.53
C TYR C 96 8.74 2.87 30.21
N CYS C 97 10.01 2.47 30.15
CA CYS C 97 10.70 2.33 28.85
C CYS C 97 10.90 0.84 28.56
N ALA C 98 10.90 0.49 27.28
CA ALA C 98 11.08 -0.90 26.83
C ALA C 98 11.97 -0.82 25.59
N ILE C 99 12.76 -1.88 25.39
CA ILE C 99 13.62 -2.01 24.19
C ILE C 99 12.94 -2.99 23.24
N ASP C 100 12.85 -2.56 21.99
CA ASP C 100 12.43 -3.44 20.87
C ASP C 100 13.65 -4.25 20.42
N SER C 101 13.63 -5.54 20.70
CA SER C 101 14.75 -6.47 20.40
C SER C 101 14.87 -6.68 18.89
N ASP C 102 13.79 -6.46 18.15
CA ASP C 102 13.77 -6.67 16.68
C ASP C 102 14.31 -5.43 15.95
N THR C 103 15.44 -5.54 15.25
CA THR C 103 15.98 -4.43 14.45
C THR C 103 15.03 -4.10 13.27
N PHE C 104 14.07 -4.98 12.97
CA PHE C 104 13.04 -4.72 11.92
C PHE C 104 11.77 -4.13 12.51
N TYR C 105 11.81 -3.70 13.76
CA TYR C 105 10.82 -2.79 14.38
C TYR C 105 9.42 -3.41 14.56
N SER C 106 9.30 -4.70 14.82
CA SER C 106 7.99 -5.37 15.07
C SER C 106 7.49 -5.20 16.51
N GLY C 107 8.24 -4.56 17.39
CA GLY C 107 7.78 -4.38 18.78
C GLY C 107 7.98 -5.62 19.62
N SER C 108 9.13 -6.29 19.51
N SER C 108 9.16 -6.23 19.51
CA SER C 108 9.44 -7.46 20.36
CA SER C 108 9.62 -7.35 20.35
C SER C 108 10.07 -6.94 21.66
C SER C 108 10.14 -6.77 21.67
N TYR C 109 9.23 -6.41 22.55
CA TYR C 109 9.61 -5.77 23.81
C TYR C 109 9.95 -6.82 24.86
N ASP C 110 11.20 -7.26 24.85
CA ASP C 110 11.69 -8.34 25.75
C ASP C 110 12.12 -7.78 27.11
N TYR C 111 12.62 -6.55 27.17
CA TYR C 111 13.15 -5.94 28.42
C TYR C 111 12.41 -4.63 28.71
N TRP C 112 12.03 -4.44 29.99
CA TRP C 112 11.21 -3.34 30.54
C TRP C 112 11.87 -2.76 31.78
N GLY C 113 11.77 -1.46 31.99
CA GLY C 113 12.15 -0.86 33.27
C GLY C 113 11.10 -1.14 34.33
N GLN C 114 11.41 -0.73 35.55
CA GLN C 114 10.52 -0.87 36.74
C GLN C 114 9.48 0.25 36.76
N GLY C 115 9.72 1.34 36.04
CA GLY C 115 8.76 2.45 35.90
C GLY C 115 9.16 3.63 36.78
N THR C 116 8.73 4.83 36.42
CA THR C 116 8.92 6.08 37.21
C THR C 116 7.56 6.77 37.31
N GLN C 117 7.18 7.20 38.51
CA GLN C 117 5.80 7.68 38.76
C GLN C 117 5.78 9.15 38.39
N VAL C 118 4.77 9.53 37.59
CA VAL C 118 4.49 10.93 37.18
C VAL C 118 3.11 11.28 37.72
N THR C 119 3.05 12.35 38.48
CA THR C 119 1.77 12.83 39.06
C THR C 119 1.58 14.27 38.64
N VAL C 120 0.50 14.53 37.89
CA VAL C 120 0.13 15.88 37.43
C VAL C 120 -1.09 16.25 38.26
N SER C 121 -0.88 17.06 39.28
CA SER C 121 -1.93 17.42 40.26
C SER C 121 -1.65 18.80 40.82
N ALA C 122 -2.65 19.69 40.73
CA ALA C 122 -2.59 21.03 41.33
C ALA C 122 -2.37 20.84 42.83
N HIS C 123 -1.33 21.47 43.36
CA HIS C 123 -0.91 21.45 44.79
C HIS C 123 -0.33 22.82 45.12
N HIS C 124 0.08 23.04 46.37
CA HIS C 124 0.82 24.26 46.81
C HIS C 124 2.31 24.11 46.51
N ALA D 2 1.35 23.15 -25.32
CA ALA D 2 2.52 24.00 -25.34
C ALA D 2 3.14 23.82 -26.72
N PRO D 3 3.87 24.81 -27.22
CA PRO D 3 4.72 24.59 -28.36
C PRO D 3 5.68 23.40 -28.13
N ALA D 4 5.88 22.56 -29.13
CA ALA D 4 6.84 21.45 -29.01
C ALA D 4 8.25 21.98 -28.80
N SER D 5 9.07 21.24 -28.07
CA SER D 5 10.50 21.58 -27.85
C SER D 5 11.23 21.63 -29.18
N PRO D 6 12.42 22.26 -29.21
CA PRO D 6 13.26 22.18 -30.42
C PRO D 6 13.72 20.78 -30.83
N ALA D 7 13.69 19.83 -29.90
CA ALA D 7 14.12 18.43 -30.10
C ALA D 7 12.95 17.54 -30.55
N ALA D 8 11.76 18.08 -30.62
CA ALA D 8 10.53 17.33 -31.00
C ALA D 8 10.59 16.97 -32.49
N PRO D 9 9.91 15.89 -32.90
CA PRO D 9 9.94 15.46 -34.30
C PRO D 9 9.11 16.39 -35.21
N ALA D 10 9.02 16.02 -36.50
CA ALA D 10 8.14 16.68 -37.51
C ALA D 10 6.67 16.65 -37.05
#